data_9CFS
#
_entry.id   9CFS
#
_cell.length_a   43.253
_cell.length_b   43.253
_cell.length_c   84.158
_cell.angle_alpha   90.00
_cell.angle_beta   90.00
_cell.angle_gamma   120.00
#
_symmetry.space_group_name_H-M   'P 32'
#
loop_
_entity.id
_entity.type
_entity.pdbx_description
1 polymer 'Long regulatory protein rop'
2 non-polymer 'NICKEL (II) ION'
3 water water
#
_entity_poly.entity_id   1
_entity_poly.type   'polypeptide(L)'
_entity_poly.pdbx_seq_one_letter_code
;MGHHHHHHGTPEEKQALQMAKQIKQQAQEIQKQTEELLKKVQELLKKLHQLGAPEMAKIAEELHKHAEALKQAAEEFYKH
AEELHKAAEARWG
;
_entity_poly.pdbx_strand_id   A,B
#
loop_
_chem_comp.id
_chem_comp.type
_chem_comp.name
_chem_comp.formula
NI non-polymer 'NICKEL (II) ION' 'Ni 2'
#
# COMPACT_ATOMS: atom_id res chain seq x y z
N GLY A 9 -23.92 -10.54 22.54
CA GLY A 9 -22.44 -10.59 22.33
C GLY A 9 -21.62 -9.86 23.42
N THR A 10 -20.39 -10.32 23.64
CA THR A 10 -19.72 -9.67 24.74
C THR A 10 -19.22 -8.30 24.28
N PRO A 11 -18.91 -7.38 25.21
CA PRO A 11 -18.31 -6.11 24.77
C PRO A 11 -17.07 -6.37 23.91
N GLU A 12 -16.29 -7.37 24.30
CA GLU A 12 -15.04 -7.65 23.60
C GLU A 12 -15.28 -8.20 22.21
N GLU A 13 -16.23 -9.11 22.10
CA GLU A 13 -16.51 -9.68 20.78
C GLU A 13 -16.99 -8.58 19.85
N LYS A 14 -17.83 -7.69 20.36
CA LYS A 14 -18.38 -6.59 19.57
C LYS A 14 -17.24 -5.68 19.15
N GLN A 15 -16.24 -5.52 20.04
CA GLN A 15 -15.13 -4.63 19.79
C GLN A 15 -14.31 -5.22 18.65
N ALA A 16 -14.05 -6.54 18.73
CA ALA A 16 -13.22 -7.17 17.71
C ALA A 16 -13.92 -7.15 16.34
N LEU A 17 -15.26 -7.28 16.33
CA LEU A 17 -16.06 -7.23 15.10
C LEU A 17 -15.83 -5.88 14.45
N GLN A 18 -15.88 -4.81 15.26
CA GLN A 18 -15.74 -3.46 14.73
C GLN A 18 -14.30 -3.22 14.26
N MET A 19 -13.30 -3.78 14.98
CA MET A 19 -11.92 -3.61 14.56
C MET A 19 -11.77 -4.29 13.18
N ALA A 20 -12.42 -5.44 13.00
CA ALA A 20 -12.27 -6.15 11.71
C ALA A 20 -12.89 -5.32 10.59
N LYS A 21 -14.00 -4.66 10.88
CA LYS A 21 -14.65 -3.90 9.83
C LYS A 21 -13.82 -2.68 9.45
N GLN A 22 -13.21 -2.05 10.45
CA GLN A 22 -12.28 -0.95 10.16
C GLN A 22 -11.05 -1.34 9.35
N ILE A 23 -10.49 -2.52 9.58
CA ILE A 23 -9.29 -2.99 8.87
C ILE A 23 -9.71 -3.18 7.41
N LYS A 24 -10.94 -3.71 7.18
CA LYS A 24 -11.40 -4.00 5.82
C LYS A 24 -11.56 -2.69 5.06
N GLN A 25 -12.06 -1.66 5.73
CA GLN A 25 -12.27 -0.36 5.13
C GLN A 25 -10.94 0.24 4.74
N GLN A 26 -10.02 0.26 5.70
CA GLN A 26 -8.72 0.86 5.39
C GLN A 26 -8.03 0.05 4.27
N ALA A 27 -8.18 -1.28 4.25
CA ALA A 27 -7.59 -2.09 3.18
C ALA A 27 -8.15 -1.67 1.80
N GLN A 28 -9.45 -1.43 1.72
CA GLN A 28 -10.12 -1.00 0.49
C GLN A 28 -9.51 0.31 0.01
N GLU A 29 -9.34 1.24 0.95
CA GLU A 29 -8.82 2.57 0.65
C GLU A 29 -7.40 2.51 0.12
N ILE A 30 -6.55 1.69 0.78
CA ILE A 30 -5.17 1.55 0.34
C ILE A 30 -5.13 0.91 -1.04
N GLN A 31 -5.94 -0.12 -1.24
CA GLN A 31 -5.96 -0.72 -2.59
C GLN A 31 -6.26 0.27 -3.72
N LYS A 32 -7.28 1.12 -3.56
CA LYS A 32 -7.60 2.12 -4.56
C LYS A 32 -6.36 2.99 -4.81
N GLN A 33 -5.68 3.34 -3.72
CA GLN A 33 -4.58 4.29 -3.78
C GLN A 33 -3.46 3.70 -4.61
N THR A 34 -3.26 2.40 -4.42
CA THR A 34 -2.23 1.65 -5.13
C THR A 34 -2.57 1.62 -6.62
N GLU A 35 -3.87 1.58 -6.97
CA GLU A 35 -4.28 1.53 -8.37
C GLU A 35 -3.92 2.86 -9.04
N GLU A 36 -4.16 3.97 -8.31
CA GLU A 36 -3.98 5.34 -8.82
C GLU A 36 -2.48 5.59 -9.00
N LEU A 37 -1.70 5.11 -8.04
CA LEU A 37 -0.25 5.25 -8.10
C LEU A 37 0.29 4.49 -9.29
N LEU A 38 -0.19 3.24 -9.55
CA LEU A 38 0.31 2.52 -10.73
C LEU A 38 0.03 3.33 -12.00
N LYS A 39 -1.16 3.93 -12.02
CA LYS A 39 -1.55 4.69 -13.21
C LYS A 39 -0.56 5.83 -13.43
N LYS A 40 -0.24 6.55 -12.36
CA LYS A 40 0.72 7.66 -12.37
C LYS A 40 2.08 7.15 -12.85
N VAL A 41 2.51 5.94 -12.44
CA VAL A 41 3.83 5.48 -12.86
C VAL A 41 3.85 5.17 -14.37
N GLN A 42 2.76 4.54 -14.83
CA GLN A 42 2.54 4.29 -16.24
C GLN A 42 2.64 5.60 -17.02
N GLU A 43 1.97 6.64 -16.51
CA GLU A 43 1.94 7.93 -17.22
C GLU A 43 3.36 8.46 -17.33
N LEU A 44 4.08 8.36 -16.21
CA LEU A 44 5.39 8.98 -16.19
C LEU A 44 6.29 8.23 -17.15
N LEU A 45 6.15 6.89 -17.13
CA LEU A 45 6.90 6.01 -18.03
C LEU A 45 6.71 6.40 -19.49
N LYS A 46 5.45 6.65 -19.89
CA LYS A 46 5.15 7.03 -21.25
C LYS A 46 5.90 8.30 -21.62
N LYS A 47 5.88 9.28 -20.70
CA LYS A 47 6.56 10.55 -20.95
C LYS A 47 8.07 10.33 -21.05
N LEU A 48 8.65 9.46 -20.22
CA LEU A 48 10.10 9.42 -20.23
C LEU A 48 10.61 8.70 -21.47
N HIS A 49 9.84 7.70 -21.93
CA HIS A 49 10.11 7.05 -23.20
C HIS A 49 10.03 8.04 -24.38
N GLN A 50 9.24 9.10 -24.26
CA GLN A 50 9.07 9.99 -25.38
C GLN A 50 10.20 11.01 -25.37
N LEU A 51 10.88 11.10 -24.21
CA LEU A 51 11.85 12.16 -23.97
C LEU A 51 13.27 11.70 -24.31
N GLY A 52 13.43 10.51 -24.89
CA GLY A 52 14.77 10.06 -25.14
C GLY A 52 15.61 10.24 -23.87
N ALA A 53 15.15 9.55 -22.82
CA ALA A 53 15.76 9.59 -21.50
C ALA A 53 16.13 8.18 -21.03
N PRO A 54 17.06 7.44 -21.69
CA PRO A 54 17.25 6.00 -21.40
C PRO A 54 17.50 5.67 -19.93
N GLU A 55 18.36 6.46 -19.26
CA GLU A 55 18.70 6.12 -17.88
C GLU A 55 17.55 6.38 -16.91
N MET A 56 16.81 7.47 -17.12
CA MET A 56 15.56 7.67 -16.38
C MET A 56 14.52 6.60 -16.70
N ALA A 57 14.35 6.27 -17.98
CA ALA A 57 13.40 5.23 -18.35
C ALA A 57 13.67 3.91 -17.65
N LYS A 58 14.94 3.55 -17.55
CA LYS A 58 15.33 2.32 -16.90
C LYS A 58 14.86 2.33 -15.45
N ILE A 59 15.02 3.44 -14.69
CA ILE A 59 14.63 3.38 -13.29
C ILE A 59 13.11 3.47 -13.20
N ALA A 60 12.48 4.15 -14.18
CA ALA A 60 11.00 4.25 -14.25
C ALA A 60 10.35 2.88 -14.47
N GLU A 61 11.02 2.01 -15.22
CA GLU A 61 10.49 0.68 -15.44
C GLU A 61 10.66 -0.20 -14.21
N GLU A 62 11.78 -0.11 -13.49
CA GLU A 62 11.89 -0.73 -12.18
C GLU A 62 10.86 -0.14 -11.20
N LEU A 63 10.59 1.17 -11.26
CA LEU A 63 9.56 1.72 -10.39
C LEU A 63 8.19 1.14 -10.71
N HIS A 64 7.91 0.86 -11.98
CA HIS A 64 6.62 0.32 -12.40
C HIS A 64 6.51 -1.11 -11.84
N LYS A 65 7.60 -1.88 -11.84
CA LYS A 65 7.57 -3.21 -11.22
C LYS A 65 7.26 -3.09 -9.71
N HIS A 66 7.87 -2.11 -9.02
CA HIS A 66 7.51 -1.90 -7.63
C HIS A 66 6.06 -1.44 -7.42
N ALA A 67 5.51 -0.64 -8.34
CA ALA A 67 4.13 -0.24 -8.21
C ALA A 67 3.25 -1.50 -8.38
N GLU A 68 3.55 -2.32 -9.39
CA GLU A 68 2.85 -3.62 -9.47
C GLU A 68 2.93 -4.47 -8.18
N ALA A 69 4.13 -4.62 -7.56
CA ALA A 69 4.26 -5.34 -6.31
C ALA A 69 3.39 -4.77 -5.18
N LEU A 70 3.32 -3.43 -5.11
CA LEU A 70 2.54 -2.75 -4.10
C LEU A 70 1.05 -2.97 -4.30
N LYS A 71 0.55 -2.79 -5.54
CA LYS A 71 -0.86 -3.04 -5.80
C LYS A 71 -1.13 -4.52 -5.45
N GLN A 72 -0.28 -5.49 -5.83
CA GLN A 72 -0.49 -6.90 -5.58
C GLN A 72 -0.56 -7.14 -4.07
N ALA A 73 0.38 -6.59 -3.31
CA ALA A 73 0.35 -6.78 -1.86
C ALA A 73 -0.95 -6.21 -1.26
N ALA A 74 -1.46 -5.08 -1.77
CA ALA A 74 -2.66 -4.47 -1.25
C ALA A 74 -3.83 -5.42 -1.53
N GLU A 75 -3.83 -6.02 -2.75
CA GLU A 75 -4.96 -6.86 -3.08
C GLU A 75 -4.95 -8.10 -2.19
N GLU A 76 -3.75 -8.59 -1.87
CA GLU A 76 -3.67 -9.82 -1.11
C GLU A 76 -4.17 -9.55 0.32
N PHE A 77 -3.76 -8.41 0.86
CA PHE A 77 -4.20 -7.97 2.19
C PHE A 77 -5.72 -7.88 2.21
N TYR A 78 -6.29 -7.14 1.23
CA TYR A 78 -7.73 -7.02 1.16
C TYR A 78 -8.47 -8.36 1.17
N LYS A 79 -8.01 -9.35 0.41
CA LYS A 79 -8.61 -10.70 0.42
C LYS A 79 -8.79 -11.28 1.84
N HIS A 80 -7.70 -11.23 2.64
CA HIS A 80 -7.68 -11.74 4.00
C HIS A 80 -8.46 -10.84 4.97
N ALA A 81 -8.51 -9.55 4.64
CA ALA A 81 -9.26 -8.64 5.51
C ALA A 81 -10.75 -8.94 5.38
N GLU A 82 -11.18 -9.23 4.13
CA GLU A 82 -12.55 -9.63 3.88
C GLU A 82 -12.83 -10.95 4.57
N GLU A 83 -11.88 -11.88 4.55
CA GLU A 83 -12.09 -13.19 5.14
C GLU A 83 -12.25 -13.05 6.66
N LEU A 84 -11.48 -12.15 7.26
CA LEU A 84 -11.48 -11.94 8.71
C LEU A 84 -12.81 -11.27 9.09
N HIS A 85 -13.27 -10.31 8.30
CA HIS A 85 -14.53 -9.64 8.55
C HIS A 85 -15.71 -10.64 8.46
N LYS A 86 -15.68 -11.49 7.43
CA LYS A 86 -16.69 -12.51 7.24
C LYS A 86 -16.83 -13.44 8.46
N ALA A 87 -15.68 -13.88 8.95
CA ALA A 87 -15.56 -14.80 10.11
C ALA A 87 -16.05 -14.11 11.39
N ALA A 88 -15.68 -12.81 11.52
CA ALA A 88 -16.18 -12.09 12.69
C ALA A 88 -17.70 -11.91 12.67
N GLU A 89 -18.26 -11.58 11.49
CA GLU A 89 -19.68 -11.39 11.34
C GLU A 89 -20.40 -12.69 11.62
N ALA A 90 -19.81 -13.81 11.13
CA ALA A 90 -20.46 -15.11 11.30
C ALA A 90 -20.69 -15.45 12.78
N ARG A 91 -19.68 -15.12 13.60
CA ARG A 91 -19.62 -15.39 15.03
C ARG A 91 -20.45 -14.38 15.83
N TRP A 92 -20.32 -13.10 15.45
CA TRP A 92 -20.65 -12.03 16.39
C TRP A 92 -21.58 -10.99 15.79
N GLY A 93 -21.89 -11.11 14.51
CA GLY A 93 -22.69 -10.11 13.82
C GLY A 93 -24.16 -10.22 14.17
N GLY B 9 15.91 22.25 -17.60
CA GLY B 9 14.72 21.45 -18.00
C GLY B 9 13.86 22.14 -19.06
N THR B 10 13.58 21.42 -20.16
CA THR B 10 12.60 21.83 -21.17
C THR B 10 11.20 21.66 -20.56
N PRO B 11 10.11 22.29 -21.08
CA PRO B 11 8.81 22.13 -20.44
C PRO B 11 8.43 20.68 -20.23
N GLU B 12 8.77 19.80 -21.19
CA GLU B 12 8.33 18.43 -21.06
C GLU B 12 9.16 17.76 -19.94
N GLU B 13 10.46 18.08 -19.89
CA GLU B 13 11.33 17.62 -18.80
C GLU B 13 10.80 18.04 -17.42
N LYS B 14 10.48 19.31 -17.30
CA LYS B 14 9.94 19.86 -16.07
C LYS B 14 8.62 19.15 -15.74
N GLN B 15 7.82 18.81 -16.78
CA GLN B 15 6.59 18.03 -16.48
C GLN B 15 6.89 16.65 -15.91
N ALA B 16 7.82 15.92 -16.51
CA ALA B 16 8.21 14.62 -15.99
C ALA B 16 8.69 14.81 -14.54
N LEU B 17 9.37 15.93 -14.21
CA LEU B 17 9.94 16.08 -12.86
C LEU B 17 8.79 16.29 -11.86
N GLN B 18 7.79 17.05 -12.27
CA GLN B 18 6.61 17.23 -11.42
C GLN B 18 5.84 15.93 -11.20
N MET B 19 5.74 15.11 -12.25
CA MET B 19 5.10 13.82 -12.20
C MET B 19 5.83 12.91 -11.22
N ALA B 20 7.18 13.00 -11.25
CA ALA B 20 7.94 12.22 -10.27
C ALA B 20 7.68 12.70 -8.85
N LYS B 21 7.53 14.03 -8.66
CA LYS B 21 7.36 14.58 -7.31
C LYS B 21 6.01 14.07 -6.80
N GLN B 22 4.98 14.13 -7.65
CA GLN B 22 3.65 13.70 -7.27
C GLN B 22 3.63 12.20 -6.95
N ILE B 23 4.38 11.38 -7.71
CA ILE B 23 4.48 9.94 -7.41
C ILE B 23 5.14 9.75 -6.04
N LYS B 24 6.24 10.52 -5.76
CA LYS B 24 6.90 10.49 -4.46
C LYS B 24 5.88 10.79 -3.36
N GLN B 25 5.04 11.82 -3.56
CA GLN B 25 4.16 12.29 -2.50
C GLN B 25 3.11 11.24 -2.19
N GLN B 26 2.58 10.62 -3.26
CA GLN B 26 1.54 9.63 -3.05
C GLN B 26 2.15 8.41 -2.39
N ALA B 27 3.44 8.12 -2.66
CA ALA B 27 4.12 6.98 -2.07
C ALA B 27 4.25 7.18 -0.57
N GLN B 28 4.53 8.45 -0.20
CA GLN B 28 4.65 8.78 1.21
C GLN B 28 3.29 8.60 1.90
N GLU B 29 2.21 8.97 1.22
CA GLU B 29 0.86 8.90 1.79
C GLU B 29 0.50 7.43 2.04
N ILE B 30 0.85 6.60 1.05
CA ILE B 30 0.56 5.16 1.14
C ILE B 30 1.38 4.49 2.27
N GLN B 31 2.68 4.82 2.36
CA GLN B 31 3.51 4.21 3.39
C GLN B 31 2.87 4.54 4.74
N LYS B 32 2.33 5.77 4.91
CA LYS B 32 1.86 6.22 6.22
C LYS B 32 0.63 5.39 6.58
N GLN B 33 -0.20 5.11 5.57
CA GLN B 33 -1.42 4.37 5.85
C GLN B 33 -1.08 2.90 6.09
N THR B 34 -0.07 2.39 5.40
CA THR B 34 0.25 0.99 5.67
C THR B 34 0.80 0.89 7.10
N GLU B 35 1.48 1.93 7.63
CA GLU B 35 1.94 1.81 9.02
C GLU B 35 0.76 1.69 10.00
N GLU B 36 -0.25 2.53 9.74
CA GLU B 36 -1.45 2.61 10.53
C GLU B 36 -2.21 1.29 10.48
N LEU B 37 -2.20 0.68 9.30
CA LEU B 37 -2.97 -0.54 9.11
C LEU B 37 -2.33 -1.68 9.89
N LEU B 38 -0.98 -1.69 9.93
CA LEU B 38 -0.30 -2.75 10.62
C LEU B 38 -0.58 -2.55 12.11
N LYS B 39 -0.53 -1.32 12.60
CA LYS B 39 -0.89 -1.11 14.00
C LYS B 39 -2.28 -1.66 14.33
N LYS B 40 -3.25 -1.45 13.43
CA LYS B 40 -4.59 -1.97 13.67
C LYS B 40 -4.61 -3.48 13.72
N VAL B 41 -3.89 -4.16 12.81
CA VAL B 41 -3.84 -5.61 12.83
C VAL B 41 -3.20 -6.10 14.15
N GLN B 42 -2.09 -5.49 14.56
CA GLN B 42 -1.45 -5.81 15.83
C GLN B 42 -2.44 -5.67 16.99
N GLU B 43 -3.20 -4.57 17.02
CA GLU B 43 -4.13 -4.35 18.13
C GLU B 43 -5.24 -5.40 18.11
N LEU B 44 -5.78 -5.72 16.92
CA LEU B 44 -6.75 -6.80 16.83
C LEU B 44 -6.17 -8.12 17.32
N LEU B 45 -4.95 -8.46 16.91
CA LEU B 45 -4.36 -9.71 17.37
C LEU B 45 -4.40 -9.80 18.89
N LYS B 46 -3.93 -8.73 19.54
CA LYS B 46 -3.83 -8.69 20.99
C LYS B 46 -5.21 -9.07 21.51
N LYS B 47 -6.23 -8.49 20.85
CA LYS B 47 -7.57 -8.67 21.37
C LYS B 47 -8.06 -10.09 21.14
N LEU B 48 -7.74 -10.64 19.94
CA LEU B 48 -8.25 -11.98 19.56
C LEU B 48 -7.56 -13.07 20.38
N HIS B 49 -6.25 -12.91 20.64
CA HIS B 49 -5.53 -13.82 21.53
C HIS B 49 -6.23 -13.85 22.90
N GLN B 50 -6.81 -12.72 23.30
CA GLN B 50 -7.35 -12.54 24.63
C GLN B 50 -8.68 -13.28 24.73
N LEU B 51 -9.44 -13.24 23.63
CA LEU B 51 -10.75 -13.86 23.54
C LEU B 51 -10.60 -15.35 23.30
N GLY B 52 -9.35 -15.78 23.15
CA GLY B 52 -9.09 -17.19 22.95
C GLY B 52 -10.01 -17.70 21.86
N ALA B 53 -9.87 -17.08 20.69
CA ALA B 53 -10.57 -17.55 19.50
C ALA B 53 -9.50 -17.93 18.49
N PRO B 54 -9.04 -19.21 18.50
CA PRO B 54 -7.80 -19.57 17.85
C PRO B 54 -7.96 -19.52 16.34
N GLU B 55 -9.20 -19.81 15.82
CA GLU B 55 -9.42 -19.75 14.38
C GLU B 55 -9.29 -18.29 13.93
N MET B 56 -9.84 -17.40 14.78
CA MET B 56 -9.86 -16.00 14.43
C MET B 56 -8.42 -15.51 14.54
N ALA B 57 -7.72 -15.94 15.60
CA ALA B 57 -6.29 -15.63 15.73
C ALA B 57 -5.49 -16.07 14.50
N LYS B 58 -5.78 -17.27 13.94
CA LYS B 58 -5.10 -17.79 12.77
C LYS B 58 -5.28 -16.89 11.54
N ILE B 59 -6.52 -16.43 11.28
CA ILE B 59 -6.74 -15.45 10.21
C ILE B 59 -5.97 -14.16 10.46
N ALA B 60 -6.04 -13.69 11.72
CA ALA B 60 -5.43 -12.37 12.05
C ALA B 60 -3.91 -12.37 11.89
N GLU B 61 -3.23 -13.44 12.34
CA GLU B 61 -1.81 -13.73 12.11
C GLU B 61 -1.45 -13.81 10.61
N GLU B 62 -2.35 -14.39 9.79
CA GLU B 62 -2.13 -14.42 8.33
C GLU B 62 -2.20 -12.98 7.82
N LEU B 63 -3.19 -12.23 8.33
CA LEU B 63 -3.33 -10.82 7.97
C LEU B 63 -2.14 -9.99 8.47
N HIS B 64 -1.59 -10.30 9.63
CA HIS B 64 -0.40 -9.69 10.18
C HIS B 64 0.74 -9.84 9.18
N LYS B 65 0.91 -11.06 8.62
CA LYS B 65 1.97 -11.34 7.64
C LYS B 65 1.76 -10.41 6.46
N HIS B 66 0.53 -10.37 5.95
CA HIS B 66 0.21 -9.52 4.81
C HIS B 66 0.42 -8.01 5.08
N ALA B 67 0.07 -7.56 6.29
CA ALA B 67 0.33 -6.17 6.63
C ALA B 67 1.83 -5.84 6.57
N GLU B 68 2.70 -6.74 7.06
CA GLU B 68 4.14 -6.48 7.02
C GLU B 68 4.61 -6.44 5.57
N ALA B 69 4.14 -7.41 4.76
CA ALA B 69 4.41 -7.47 3.33
C ALA B 69 3.97 -6.20 2.59
N LEU B 70 2.77 -5.72 2.88
CA LEU B 70 2.24 -4.47 2.33
C LEU B 70 3.08 -3.26 2.77
N LYS B 71 3.30 -3.09 4.09
CA LYS B 71 4.16 -1.99 4.54
C LYS B 71 5.56 -2.07 3.91
N GLN B 72 6.15 -3.27 3.82
CA GLN B 72 7.47 -3.43 3.16
C GLN B 72 7.43 -2.99 1.67
N ALA B 73 6.38 -3.37 0.95
CA ALA B 73 6.28 -2.97 -0.45
C ALA B 73 6.10 -1.46 -0.57
N ALA B 74 5.35 -0.85 0.38
CA ALA B 74 5.15 0.60 0.33
C ALA B 74 6.50 1.30 0.64
N GLU B 75 7.25 0.77 1.62
CA GLU B 75 8.58 1.34 1.90
C GLU B 75 9.52 1.24 0.70
N GLU B 76 9.50 0.09 0.00
CA GLU B 76 10.41 -0.15 -1.12
C GLU B 76 10.01 0.74 -2.27
N PHE B 77 8.69 0.81 -2.50
CA PHE B 77 8.21 1.74 -3.51
C PHE B 77 8.66 3.17 -3.20
N TYR B 78 8.49 3.63 -1.96
CA TYR B 78 8.86 4.99 -1.61
C TYR B 78 10.34 5.26 -1.80
N LYS B 79 11.20 4.29 -1.44
CA LYS B 79 12.64 4.45 -1.62
C LYS B 79 12.98 4.69 -3.08
N HIS B 80 12.39 3.86 -3.96
CA HIS B 80 12.66 3.96 -5.38
C HIS B 80 12.08 5.21 -6.01
N ALA B 81 10.87 5.58 -5.55
CA ALA B 81 10.24 6.82 -6.01
C ALA B 81 11.06 8.03 -5.63
N GLU B 82 11.60 8.06 -4.39
CA GLU B 82 12.41 9.21 -3.98
C GLU B 82 13.70 9.26 -4.79
N GLU B 83 14.30 8.08 -5.03
CA GLU B 83 15.52 8.03 -5.85
C GLU B 83 15.23 8.51 -7.29
N LEU B 84 14.05 8.25 -7.83
CA LEU B 84 13.80 8.65 -9.21
C LEU B 84 13.58 10.16 -9.21
N HIS B 85 12.82 10.63 -8.22
CA HIS B 85 12.58 12.06 -8.15
C HIS B 85 13.92 12.81 -8.02
N LYS B 86 14.80 12.32 -7.14
CA LYS B 86 16.10 12.96 -6.99
C LYS B 86 16.94 12.94 -8.27
N ALA B 87 16.91 11.86 -9.07
CA ALA B 87 17.65 11.89 -10.34
C ALA B 87 17.05 12.88 -11.34
N ALA B 88 15.71 12.90 -11.35
CA ALA B 88 14.98 13.83 -12.19
C ALA B 88 15.32 15.27 -11.82
N GLU B 89 15.51 15.54 -10.55
CA GLU B 89 15.87 16.91 -10.18
C GLU B 89 17.30 17.18 -10.64
N ALA B 90 18.14 16.12 -10.56
CA ALA B 90 19.55 16.34 -10.91
C ALA B 90 19.62 16.82 -12.37
N ARG B 91 18.75 16.23 -13.19
CA ARG B 91 18.79 16.48 -14.62
C ARG B 91 18.06 17.77 -14.99
N TRP B 92 17.02 18.12 -14.23
CA TRP B 92 16.04 19.01 -14.86
C TRP B 92 15.51 20.08 -13.89
N GLY B 93 15.92 20.00 -12.62
CA GLY B 93 15.32 20.82 -11.58
C GLY B 93 16.18 22.00 -11.21
NI NI C . -2.17 -15.00 2.27
#